data_5L3X
#
_entry.id   5L3X
#
_cell.length_a   185.070
_cell.length_b   185.070
_cell.length_c   185.070
_cell.angle_alpha   90.000
_cell.angle_beta   90.000
_cell.angle_gamma   90.000
#
_symmetry.space_group_name_H-M   'I 21 3'
#
loop_
_entity.id
_entity.type
_entity.pdbx_description
1 polymer 'Negative elongation factor A'
2 polymer 'Negative elongation factor C/D'
3 non-polymer 'CHLORIDE ION'
4 water water
#
loop_
_entity_poly.entity_id
_entity_poly.type
_entity_poly.pdbx_seq_one_letter_code
_entity_poly.pdbx_strand_id
1 'polypeptide(L)'
;ESDTGLWLHNKLGATDELWAPPSIASLLTAAVIDNIRLCFHGLSSAVKLKLLLGTLHLPRRTVDEMKGALMEIIQLASLD
SDPWVLMVADILKSFPDTGSLNLELEEQNPNVQDILGELREKVGECEASAMLPLECQYLNKNALTTLAGPLTPPVKHFQL
KRKPKSATLRAELLQKS
;
A
2 'polypeptide(L)'
;GEITSVSTACQQLEVFSRVLRTSLATILDGGEENLEKNLPEFAKMVCHGEHTYLFAQAMMSVLAQEEQGGSAVRRIAQEV
QRFAQEKGHDASQITLALGTAASYPRACQALGAMLSKGALNPADITVLFKMFTSMDPPPVELIRVPAFLDLFMQSLFKPG
ARINQDHKHKYIHILAYAASVVETWKKNKRVSINKDELKSTSKAVETVHNLCCNENKGASELVAELSTLYQCIRFPVVAM
GVLKWVDWTVSEPRYFQLQTDHTPVHLALLDEISTCHQLLHPQVLQLLVKLFETEHSALDVMEQLELKKTLLDRMVHLLS
RGYVLPVVSYIRKCLEKLDTDISLIRYFVTEVLDVIAPPYTSDFVQLFLPILENDSIAGTIKTEGEHDPVTEFIAHCKSN
FIMVN
;
B
#
loop_
_chem_comp.id
_chem_comp.type
_chem_comp.name
_chem_comp.formula
CL non-polymer 'CHLORIDE ION' 'Cl -1'
#
# COMPACT_ATOMS: atom_id res chain seq x y z
N GLU A 1 31.96 29.85 15.58
CA GLU A 1 31.42 30.66 14.50
C GLU A 1 30.60 31.83 15.04
N SER A 2 30.78 33.00 14.45
CA SER A 2 30.05 34.19 14.86
C SER A 2 28.64 34.19 14.29
N ASP A 3 27.65 34.39 15.17
CA ASP A 3 26.25 34.38 14.81
C ASP A 3 25.86 33.09 14.07
N THR A 4 26.16 31.96 14.70
CA THR A 4 25.84 30.65 14.10
C THR A 4 24.33 30.40 14.08
N GLY A 5 23.59 31.11 14.92
CA GLY A 5 22.14 31.01 14.95
C GLY A 5 21.50 31.77 13.82
N LEU A 6 22.13 32.86 13.39
CA LEU A 6 21.66 33.64 12.27
C LEU A 6 21.85 32.85 10.97
N TRP A 7 22.92 32.06 10.92
CA TRP A 7 23.25 31.27 9.74
C TRP A 7 22.30 30.09 9.56
N LEU A 8 21.80 29.55 10.68
CA LEU A 8 20.84 28.45 10.63
C LEU A 8 19.50 28.93 10.10
N HIS A 9 19.20 30.20 10.33
CA HIS A 9 17.97 30.80 9.84
C HIS A 9 17.99 30.94 8.31
N ASN A 10 19.16 31.26 7.75
CA ASN A 10 19.29 31.43 6.32
C ASN A 10 19.37 30.10 5.58
N LYS A 11 19.42 29.01 6.33
CA LYS A 11 19.56 27.68 5.73
C LYS A 11 18.30 26.83 5.91
N LEU A 12 17.61 27.00 7.03
CA LEU A 12 16.44 26.18 7.34
C LEU A 12 15.19 27.01 7.63
N GLY A 13 15.33 28.33 7.56
CA GLY A 13 14.22 29.22 7.88
C GLY A 13 13.15 29.30 6.82
N ALA A 14 13.38 28.65 5.68
CA ALA A 14 12.41 28.65 4.59
C ALA A 14 11.08 28.03 5.02
N THR A 15 10.04 28.84 5.04
CA THR A 15 8.72 28.40 5.47
C THR A 15 8.08 27.48 4.44
N ASP A 16 8.46 27.67 3.17
CA ASP A 16 7.96 26.83 2.08
C ASP A 16 8.34 25.36 2.29
N GLU A 17 9.62 25.12 2.58
CA GLU A 17 10.09 23.77 2.85
C GLU A 17 9.71 23.35 4.26
N LEU A 18 9.09 22.18 4.38
CA LEU A 18 8.74 21.64 5.68
C LEU A 18 9.35 20.25 5.86
N TRP A 19 10.09 19.81 4.86
CA TRP A 19 10.82 18.56 4.94
C TRP A 19 12.32 18.84 4.83
N ALA A 20 13.12 17.81 5.09
CA ALA A 20 14.57 17.93 4.99
C ALA A 20 14.97 18.36 3.59
N PRO A 21 15.66 19.50 3.48
CA PRO A 21 16.16 19.99 2.19
C PRO A 21 17.25 19.08 1.63
N PRO A 22 17.41 19.04 0.31
CA PRO A 22 18.49 18.26 -0.31
C PRO A 22 19.85 18.63 0.27
N SER A 23 20.69 17.62 0.50
CA SER A 23 22.03 17.82 1.05
C SER A 23 21.95 18.42 2.45
N ILE A 24 21.07 17.86 3.27
CA ILE A 24 20.93 18.28 4.67
C ILE A 24 22.05 17.68 5.51
N ALA A 25 22.63 16.58 5.04
CA ALA A 25 23.71 15.91 5.75
C ALA A 25 24.98 16.76 5.74
N SER A 26 25.15 17.56 4.70
CA SER A 26 26.32 18.42 4.56
C SER A 26 26.16 19.71 5.36
N LEU A 27 24.92 20.10 5.62
CA LEU A 27 24.65 21.32 6.36
C LEU A 27 24.92 21.14 7.85
N LEU A 28 24.78 19.91 8.33
CA LEU A 28 24.95 19.63 9.75
C LEU A 28 26.37 19.18 10.08
N THR A 29 27.29 20.14 10.04
CA THR A 29 28.69 19.90 10.39
C THR A 29 28.80 19.51 11.86
N ALA A 30 29.78 18.66 12.19
CA ALA A 30 30.03 18.26 13.57
C ALA A 30 30.26 19.48 14.46
N ALA A 31 30.97 20.47 13.94
CA ALA A 31 31.23 21.70 14.65
C ALA A 31 29.95 22.51 14.86
N VAL A 32 29.06 22.47 13.87
CA VAL A 32 27.78 23.15 13.95
C VAL A 32 26.94 22.57 15.09
N ILE A 33 26.93 21.23 15.19
CA ILE A 33 26.21 20.53 16.24
C ILE A 33 26.63 21.02 17.63
N ASP A 34 27.93 21.28 17.79
CA ASP A 34 28.46 21.77 19.06
C ASP A 34 28.16 23.26 19.25
N ASN A 35 27.71 23.92 18.18
CA ASN A 35 27.36 25.34 18.23
C ASN A 35 25.86 25.56 18.46
N ILE A 36 25.08 24.50 18.33
CA ILE A 36 23.62 24.59 18.49
C ILE A 36 23.23 24.81 19.94
N ARG A 37 24.01 24.27 20.87
CA ARG A 37 23.73 24.44 22.30
C ARG A 37 23.91 25.90 22.73
N LEU A 38 24.58 26.69 21.88
CA LEU A 38 24.87 28.08 22.20
C LEU A 38 23.77 29.04 21.74
N CYS A 39 23.05 28.66 20.69
CA CYS A 39 22.10 29.58 20.06
C CYS A 39 20.69 29.03 19.96
N PHE A 40 20.41 27.94 20.66
CA PHE A 40 19.15 27.23 20.50
C PHE A 40 17.94 28.02 21.01
N HIS A 41 18.14 28.77 22.09
CA HIS A 41 17.05 29.46 22.78
C HIS A 41 16.33 30.45 21.88
N GLY A 42 17.05 31.04 20.94
CA GLY A 42 16.49 32.06 20.07
C GLY A 42 15.91 31.54 18.76
N LEU A 43 16.17 30.27 18.47
CA LEU A 43 15.69 29.65 17.23
C LEU A 43 14.18 29.53 17.20
N SER A 44 13.60 29.59 16.01
CA SER A 44 12.16 29.39 15.85
C SER A 44 11.84 27.90 15.88
N SER A 45 10.56 27.58 16.01
CA SER A 45 10.14 26.19 16.06
C SER A 45 10.39 25.50 14.73
N ALA A 46 10.09 26.19 13.64
CA ALA A 46 10.28 25.66 12.29
C ALA A 46 11.72 25.17 12.07
N VAL A 47 12.68 25.99 12.46
CA VAL A 47 14.10 25.63 12.31
C VAL A 47 14.48 24.47 13.23
N LYS A 48 13.97 24.49 14.45
CA LYS A 48 14.23 23.40 15.40
C LYS A 48 13.68 22.07 14.89
N LEU A 49 12.52 22.13 14.26
CA LEU A 49 11.87 20.93 13.73
C LEU A 49 12.63 20.39 12.52
N LYS A 50 13.31 21.28 11.80
CA LYS A 50 14.16 20.87 10.70
C LYS A 50 15.49 20.36 11.22
N LEU A 51 15.92 20.94 12.33
CA LEU A 51 17.16 20.57 12.98
C LEU A 51 17.06 19.17 13.59
N LEU A 52 16.01 18.93 14.37
CA LEU A 52 15.82 17.66 15.06
C LEU A 52 15.57 16.51 14.10
N LEU A 53 14.73 16.75 13.10
CA LEU A 53 14.45 15.73 12.08
C LEU A 53 15.70 15.46 11.23
N GLY A 54 16.59 16.45 11.18
CA GLY A 54 17.81 16.32 10.42
C GLY A 54 18.74 15.24 10.93
N THR A 55 18.62 14.91 12.21
CA THR A 55 19.50 13.91 12.82
C THR A 55 19.23 12.51 12.27
N LEU A 56 18.02 12.30 11.74
CA LEU A 56 17.67 11.02 11.15
C LEU A 56 18.34 10.79 9.81
N HIS A 57 18.72 11.89 9.16
CA HIS A 57 19.30 11.83 7.81
C HIS A 57 20.82 11.72 7.85
N LEU A 58 21.39 11.73 9.05
CA LEU A 58 22.83 11.57 9.22
C LEU A 58 23.20 10.09 9.29
N PRO A 59 24.29 9.71 8.60
CA PRO A 59 24.81 8.34 8.61
C PRO A 59 25.10 7.87 10.04
N ARG A 60 25.03 6.55 10.27
CA ARG A 60 25.21 5.99 11.60
C ARG A 60 26.57 6.35 12.20
N ARG A 61 27.55 6.55 11.33
CA ARG A 61 28.89 6.91 11.77
C ARG A 61 28.91 8.32 12.35
N THR A 62 28.32 9.27 11.61
CA THR A 62 28.29 10.66 12.05
C THR A 62 27.46 10.87 13.32
N VAL A 63 26.40 10.09 13.47
CA VAL A 63 25.53 10.19 14.63
C VAL A 63 26.24 9.74 15.91
N ASP A 64 26.95 8.62 15.80
CA ASP A 64 27.61 8.00 16.94
C ASP A 64 28.75 8.85 17.49
N GLU A 65 29.34 9.69 16.63
CA GLU A 65 30.45 10.53 17.02
C GLU A 65 30.02 11.64 17.98
N MET A 66 28.99 12.38 17.61
CA MET A 66 28.49 13.46 18.46
C MET A 66 27.20 13.07 19.17
N LYS A 67 27.08 11.81 19.55
CA LYS A 67 25.87 11.34 20.22
C LYS A 67 25.67 12.05 21.56
N GLY A 68 26.76 12.49 22.17
CA GLY A 68 26.70 13.24 23.41
C GLY A 68 26.14 14.63 23.16
N ALA A 69 26.56 15.24 22.07
CA ALA A 69 26.06 16.56 21.69
C ALA A 69 24.60 16.47 21.24
N LEU A 70 24.25 15.37 20.58
CA LEU A 70 22.89 15.17 20.12
C LEU A 70 21.94 14.97 21.30
N MET A 71 22.39 14.21 22.30
CA MET A 71 21.60 14.03 23.52
C MET A 71 21.34 15.36 24.22
N GLU A 72 22.34 16.24 24.19
CA GLU A 72 22.23 17.55 24.83
C GLU A 72 21.19 18.42 24.14
N ILE A 73 21.14 18.34 22.81
CA ILE A 73 20.17 19.12 22.04
C ILE A 73 18.77 18.58 22.23
N ILE A 74 18.64 17.25 22.15
CA ILE A 74 17.34 16.60 22.30
C ILE A 74 16.78 16.86 23.70
N GLN A 75 17.66 16.94 24.69
CA GLN A 75 17.27 17.32 26.05
C GLN A 75 16.75 18.74 26.05
N LEU A 76 17.48 19.65 25.41
CA LEU A 76 17.07 21.05 25.29
C LEU A 76 15.68 21.16 24.66
N ALA A 77 15.44 20.36 23.64
CA ALA A 77 14.15 20.36 22.94
C ALA A 77 13.03 19.84 23.83
N SER A 78 13.36 18.95 24.76
CA SER A 78 12.35 18.41 25.67
C SER A 78 11.96 19.41 26.76
N LEU A 79 12.58 20.59 26.72
CA LEU A 79 12.27 21.66 27.67
C LEU A 79 11.75 22.89 26.93
N ASP A 80 11.39 22.70 25.66
CA ASP A 80 10.95 23.78 24.80
C ASP A 80 9.52 24.21 25.13
N SER A 81 9.06 25.30 24.52
CA SER A 81 7.71 25.80 24.77
C SER A 81 6.72 25.30 23.72
N ASP A 82 7.23 25.01 22.53
CA ASP A 82 6.37 24.54 21.45
C ASP A 82 6.01 23.06 21.68
N PRO A 83 4.70 22.76 21.68
CA PRO A 83 4.27 21.36 21.81
C PRO A 83 4.79 20.44 20.70
N TRP A 84 5.01 20.97 19.50
CA TRP A 84 5.56 20.15 18.41
C TRP A 84 7.02 19.78 18.68
N VAL A 85 7.79 20.74 19.17
CA VAL A 85 9.19 20.48 19.50
C VAL A 85 9.28 19.45 20.62
N LEU A 86 8.38 19.55 21.61
CA LEU A 86 8.37 18.63 22.74
C LEU A 86 8.06 17.20 22.30
N MET A 87 7.08 17.05 21.41
CA MET A 87 6.68 15.75 20.92
C MET A 87 7.79 15.07 20.13
N VAL A 88 8.50 15.85 19.32
CA VAL A 88 9.58 15.32 18.49
C VAL A 88 10.77 14.92 19.36
N ALA A 89 11.05 15.73 20.38
CA ALA A 89 12.13 15.44 21.32
C ALA A 89 11.89 14.13 22.09
N ASP A 90 10.62 13.75 22.25
CA ASP A 90 10.31 12.54 23.00
C ASP A 90 10.44 11.30 22.12
N ILE A 91 10.35 11.49 20.82
CA ILE A 91 10.44 10.37 19.88
C ILE A 91 11.89 10.07 19.52
N LEU A 92 12.72 11.11 19.51
CA LEU A 92 14.13 10.98 19.11
C LEU A 92 15.10 10.72 20.28
N LYS A 93 14.60 10.72 21.52
CA LYS A 93 15.50 10.63 22.66
C LYS A 93 16.19 9.26 22.75
N SER A 94 15.64 8.28 22.04
CA SER A 94 16.15 6.93 22.04
C SER A 94 17.11 6.68 20.87
N PHE A 95 17.14 7.64 19.94
CA PHE A 95 17.84 7.45 18.68
C PHE A 95 19.38 7.49 18.73
N PRO A 96 19.97 8.54 19.35
CA PRO A 96 21.43 8.64 19.26
C PRO A 96 22.20 7.47 19.89
N ASP A 97 21.53 6.68 20.70
CA ASP A 97 22.18 5.57 21.38
C ASP A 97 21.78 4.22 20.77
N THR A 98 20.56 4.12 20.27
CA THR A 98 20.01 2.86 19.81
C THR A 98 19.76 2.83 18.29
N GLY A 99 19.63 4.01 17.70
CA GLY A 99 19.33 4.12 16.29
C GLY A 99 17.87 3.82 15.98
N SER A 100 17.06 3.73 17.04
CA SER A 100 15.63 3.49 16.88
C SER A 100 14.80 4.54 17.64
N LEU A 101 13.60 4.80 17.15
CA LEU A 101 12.71 5.78 17.75
C LEU A 101 12.03 5.25 19.01
N ASN A 102 11.60 6.16 19.88
CA ASN A 102 10.85 5.80 21.09
C ASN A 102 9.36 5.71 20.81
N LEU A 103 8.76 4.58 21.19
CA LEU A 103 7.33 4.40 21.00
C LEU A 103 6.60 4.32 22.33
N GLU A 104 7.30 4.61 23.41
CA GLU A 104 6.68 4.78 24.71
C GLU A 104 6.42 6.27 24.94
N LEU A 105 5.21 6.69 24.65
CA LEU A 105 4.90 8.12 24.53
C LEU A 105 3.71 8.58 25.36
N GLU A 106 3.20 7.72 26.23
CA GLU A 106 1.99 8.01 26.99
C GLU A 106 2.25 8.72 28.33
N GLU A 107 3.49 8.67 28.80
CA GLU A 107 3.83 9.25 30.10
C GLU A 107 3.57 10.74 30.18
N GLN A 108 2.55 11.12 30.95
CA GLN A 108 2.17 12.53 31.16
C GLN A 108 1.96 13.29 29.85
N ASN A 109 1.36 12.63 28.88
CA ASN A 109 1.14 13.23 27.58
C ASN A 109 -0.32 13.07 27.14
N PRO A 110 -1.20 13.97 27.61
CA PRO A 110 -2.64 13.94 27.37
C PRO A 110 -3.02 13.66 25.92
N ASN A 111 -2.35 14.32 24.97
CA ASN A 111 -2.63 14.10 23.55
C ASN A 111 -2.50 12.62 23.17
N VAL A 112 -1.32 12.06 23.42
CA VAL A 112 -1.05 10.67 23.08
C VAL A 112 -2.02 9.73 23.79
N GLN A 113 -2.22 9.97 25.08
CA GLN A 113 -3.17 9.19 25.87
C GLN A 113 -4.58 9.21 25.28
N ASP A 114 -5.00 10.37 24.78
CA ASP A 114 -6.33 10.49 24.18
C ASP A 114 -6.41 9.81 22.82
N ILE A 115 -5.34 9.92 22.03
CA ILE A 115 -5.26 9.26 20.73
C ILE A 115 -5.33 7.74 20.88
N LEU A 116 -4.38 7.18 21.62
CA LEU A 116 -4.27 5.74 21.78
C LEU A 116 -5.48 5.18 22.54
N GLY A 117 -5.98 5.92 23.51
CA GLY A 117 -7.14 5.48 24.26
C GLY A 117 -8.34 5.20 23.38
N GLU A 118 -8.70 6.18 22.56
CA GLU A 118 -9.86 6.10 21.68
C GLU A 118 -9.69 5.11 20.53
N LEU A 119 -8.48 5.05 19.98
CA LEU A 119 -8.23 4.24 18.79
C LEU A 119 -7.97 2.76 19.09
N ARG A 120 -7.38 2.46 20.25
CA ARG A 120 -7.18 1.07 20.63
C ARG A 120 -8.50 0.34 20.72
N GLU A 121 -9.53 1.05 21.17
CA GLU A 121 -10.87 0.51 21.25
C GLU A 121 -11.48 0.37 19.86
N LYS A 122 -11.15 1.31 18.98
CA LYS A 122 -11.66 1.33 17.62
C LYS A 122 -11.03 0.23 16.77
N VAL A 123 -9.74 0.01 17.00
CA VAL A 123 -8.99 -1.01 16.27
C VAL A 123 -9.56 -2.40 16.61
N GLY A 124 -9.92 -2.60 17.87
CA GLY A 124 -10.46 -3.88 18.32
C GLY A 124 -11.88 -4.14 17.82
N GLU A 125 -12.58 -3.08 17.45
CA GLU A 125 -13.95 -3.20 16.95
C GLU A 125 -13.99 -3.68 15.50
N CYS A 126 -12.89 -3.44 14.78
CA CYS A 126 -12.81 -3.82 13.37
C CYS A 126 -11.75 -4.89 13.14
N GLU A 127 -11.71 -5.88 14.02
CA GLU A 127 -10.79 -6.99 13.88
C GLU A 127 -11.37 -8.06 12.97
N ALA A 128 -12.69 -8.00 12.75
CA ALA A 128 -13.37 -8.93 11.87
C ALA A 128 -13.09 -8.60 10.40
N SER A 129 -12.34 -9.49 9.75
CA SER A 129 -11.96 -9.34 8.34
C SER A 129 -11.24 -8.02 8.08
N ALA A 130 -10.34 -7.66 8.99
CA ALA A 130 -9.58 -6.42 8.88
C ALA A 130 -8.64 -6.46 7.67
N MET A 131 -8.47 -5.31 7.03
CA MET A 131 -7.57 -5.20 5.89
C MET A 131 -6.14 -5.48 6.30
N LEU A 132 -5.42 -6.22 5.46
CA LEU A 132 -4.06 -6.64 5.76
C LEU A 132 -3.06 -5.64 5.16
N PRO A 133 -1.80 -5.68 5.61
CA PRO A 133 -0.77 -4.84 4.99
C PRO A 133 -0.51 -5.22 3.53
N LEU A 134 0.23 -4.39 2.81
CA LEU A 134 0.42 -4.58 1.38
C LEU A 134 1.35 -5.75 1.05
N GLU A 135 2.29 -6.05 1.94
CA GLU A 135 3.27 -7.10 1.67
C GLU A 135 2.58 -8.45 1.58
N CYS A 136 1.45 -8.60 2.25
CA CYS A 136 0.67 -9.85 2.25
C CYS A 136 0.19 -10.24 0.86
N GLN A 137 0.07 -9.25 -0.02
CA GLN A 137 -0.38 -9.48 -1.38
C GLN A 137 0.68 -10.20 -2.22
N TYR A 138 1.91 -10.20 -1.71
CA TYR A 138 3.05 -10.80 -2.41
C TYR A 138 3.45 -12.17 -1.89
N LEU A 139 2.72 -12.70 -0.90
CA LEU A 139 3.16 -13.88 -0.17
C LEU A 139 2.45 -15.17 -0.60
N ASN A 140 3.18 -16.28 -0.60
CA ASN A 140 2.56 -17.59 -0.76
C ASN A 140 1.76 -17.94 0.50
N LYS A 141 0.73 -18.76 0.34
CA LYS A 141 -0.21 -19.09 1.41
C LYS A 141 0.44 -19.44 2.76
N ASN A 142 1.47 -20.27 2.74
CA ASN A 142 2.13 -20.69 3.97
C ASN A 142 2.84 -19.55 4.69
N ALA A 143 3.49 -18.67 3.94
CA ALA A 143 4.09 -17.48 4.53
C ALA A 143 3.00 -16.52 5.02
N LEU A 144 1.94 -16.40 4.22
CA LEU A 144 0.81 -15.54 4.57
C LEU A 144 0.13 -16.00 5.85
N THR A 145 -0.11 -17.31 5.98
CA THR A 145 -0.81 -17.85 7.15
C THR A 145 0.06 -17.76 8.40
N THR A 146 1.36 -17.98 8.25
CA THR A 146 2.28 -17.85 9.35
C THR A 146 2.26 -16.42 9.90
N LEU A 147 2.25 -15.45 8.99
CA LEU A 147 2.35 -14.05 9.36
C LEU A 147 1.03 -13.44 9.82
N ALA A 148 -0.07 -13.73 9.13
CA ALA A 148 -1.34 -13.05 9.41
C ALA A 148 -2.49 -13.99 9.75
N GLY A 149 -2.24 -15.30 9.71
CA GLY A 149 -3.29 -16.26 9.99
C GLY A 149 -4.12 -16.58 8.76
N PRO A 150 -5.07 -17.51 8.88
CA PRO A 150 -5.95 -17.88 7.77
C PRO A 150 -6.74 -16.68 7.25
N LEU A 151 -6.94 -16.59 5.95
CA LEU A 151 -7.78 -15.53 5.41
C LEU A 151 -9.24 -15.88 5.60
N THR A 152 -10.04 -14.88 5.97
CA THR A 152 -11.48 -15.06 6.01
C THR A 152 -12.01 -15.15 4.59
N PRO A 153 -12.76 -16.23 4.30
CA PRO A 153 -13.37 -16.39 2.97
C PRO A 153 -14.37 -15.28 2.68
N PRO A 154 -14.57 -14.95 1.40
CA PRO A 154 -15.54 -13.94 1.00
C PRO A 154 -16.94 -14.28 1.48
N VAL A 155 -17.71 -13.28 1.89
CA VAL A 155 -19.10 -13.49 2.26
C VAL A 155 -19.89 -13.98 1.04
N LYS A 156 -20.69 -15.03 1.23
CA LYS A 156 -21.54 -15.53 0.16
C LYS A 156 -22.85 -14.74 0.11
N HIS A 157 -22.91 -13.79 -0.82
CA HIS A 157 -24.07 -12.90 -0.94
C HIS A 157 -25.17 -13.53 -1.81
N PHE A 158 -24.82 -14.59 -2.52
CA PHE A 158 -25.79 -15.31 -3.33
C PHE A 158 -25.29 -16.73 -3.61
N GLN A 159 -25.97 -17.41 -4.52
CA GLN A 159 -25.58 -18.75 -4.90
C GLN A 159 -25.52 -18.87 -6.42
N LEU A 160 -24.40 -19.33 -6.94
CA LEU A 160 -24.21 -19.42 -8.39
C LEU A 160 -25.00 -20.59 -8.99
N LYS A 161 -25.94 -20.26 -9.87
CA LYS A 161 -26.69 -21.29 -10.59
C LYS A 161 -25.87 -21.79 -11.77
N ARG A 162 -25.20 -20.88 -12.47
CA ARG A 162 -24.35 -21.22 -13.60
C ARG A 162 -23.06 -20.41 -13.56
N LYS A 163 -22.08 -20.82 -14.36
CA LYS A 163 -20.82 -20.09 -14.45
C LYS A 163 -20.96 -18.96 -15.47
N PRO A 164 -20.33 -17.80 -15.18
CA PRO A 164 -20.41 -16.61 -16.03
C PRO A 164 -19.79 -16.80 -17.42
N LYS A 165 -19.87 -15.76 -18.23
CA LYS A 165 -19.41 -15.80 -19.62
C LYS A 165 -17.89 -15.90 -19.72
N SER A 166 -17.21 -15.52 -18.64
CA SER A 166 -15.75 -15.54 -18.62
C SER A 166 -15.17 -16.95 -18.51
N ALA A 167 -16.02 -17.91 -18.12
CA ALA A 167 -15.58 -19.29 -17.98
C ALA A 167 -15.38 -19.95 -19.34
N THR A 168 -16.21 -19.56 -20.30
CA THR A 168 -16.11 -20.09 -21.66
C THR A 168 -14.90 -19.49 -22.37
N LEU A 169 -14.57 -18.24 -22.03
CA LEU A 169 -13.45 -17.54 -22.64
C LEU A 169 -12.10 -18.17 -22.30
N ARG A 170 -12.01 -18.75 -21.10
CA ARG A 170 -10.77 -19.40 -20.67
C ARG A 170 -10.52 -20.67 -21.47
N ALA A 171 -11.59 -21.42 -21.72
CA ALA A 171 -11.48 -22.67 -22.47
C ALA A 171 -11.08 -22.43 -23.93
N GLU A 172 -11.58 -21.33 -24.50
CA GLU A 172 -11.28 -20.99 -25.89
C GLU A 172 -9.80 -20.68 -26.09
N LEU A 173 -9.26 -19.80 -25.25
CA LEU A 173 -7.86 -19.40 -25.35
C LEU A 173 -6.91 -20.55 -25.03
N LEU A 174 -7.43 -21.59 -24.38
CA LEU A 174 -6.64 -22.78 -24.10
C LEU A 174 -6.69 -23.76 -25.26
N GLN A 175 -7.70 -23.62 -26.10
CA GLN A 175 -7.88 -24.50 -27.26
C GLN A 175 -7.07 -24.02 -28.46
N LYS A 176 -6.75 -22.72 -28.48
CA LYS A 176 -6.05 -22.11 -29.60
C LYS A 176 -4.66 -22.69 -29.83
N SER A 177 -4.00 -23.09 -28.74
CA SER A 177 -2.66 -23.66 -28.83
C SER A 177 -2.72 -25.09 -29.36
N GLY B 1 -18.36 17.50 6.08
CA GLY B 1 -19.10 18.65 5.62
C GLY B 1 -18.29 19.93 5.70
N GLU B 2 -17.53 20.09 6.78
CA GLU B 2 -16.69 21.27 6.97
C GLU B 2 -15.33 21.07 6.30
N ILE B 3 -14.77 22.16 5.78
CA ILE B 3 -13.48 22.13 5.12
C ILE B 3 -12.43 22.84 5.98
N THR B 4 -11.18 22.43 5.85
CA THR B 4 -10.08 22.97 6.65
C THR B 4 -8.79 23.01 5.84
N SER B 5 -8.01 24.09 5.99
CA SER B 5 -6.72 24.17 5.33
C SER B 5 -5.71 23.29 6.05
N VAL B 6 -4.72 22.80 5.30
CA VAL B 6 -3.70 21.91 5.86
C VAL B 6 -2.83 22.64 6.87
N SER B 7 -2.42 23.86 6.52
CA SER B 7 -1.59 24.70 7.40
C SER B 7 -2.19 24.87 8.79
N THR B 8 -3.46 25.26 8.84
CA THR B 8 -4.16 25.49 10.11
C THR B 8 -4.20 24.24 10.97
N ALA B 9 -4.54 23.11 10.34
CA ALA B 9 -4.68 21.84 11.05
C ALA B 9 -3.37 21.31 11.64
N CYS B 10 -2.24 21.82 11.15
CA CYS B 10 -0.93 21.31 11.58
C CYS B 10 -0.21 22.23 12.54
N GLN B 11 -0.65 23.48 12.62
CA GLN B 11 0.03 24.48 13.44
C GLN B 11 -0.07 24.16 14.93
N GLN B 12 -1.23 23.65 15.35
CA GLN B 12 -1.44 23.29 16.75
C GLN B 12 -1.49 21.77 16.91
N LEU B 13 -0.63 21.24 17.77
CA LEU B 13 -0.55 19.79 18.01
C LEU B 13 -1.87 19.24 18.52
N GLU B 14 -2.53 20.02 19.37
CA GLU B 14 -3.82 19.67 19.93
C GLU B 14 -4.84 19.44 18.82
N VAL B 15 -4.88 20.36 17.86
CA VAL B 15 -5.83 20.32 16.77
C VAL B 15 -5.52 19.20 15.81
N PHE B 16 -4.23 19.03 15.50
CA PHE B 16 -3.77 17.97 14.62
C PHE B 16 -4.12 16.60 15.19
N SER B 17 -3.97 16.46 16.51
CA SER B 17 -4.25 15.20 17.18
C SER B 17 -5.72 14.81 17.05
N ARG B 18 -6.60 15.79 17.14
CA ARG B 18 -8.04 15.53 17.09
C ARG B 18 -8.47 15.08 15.70
N VAL B 19 -7.94 15.73 14.66
CA VAL B 19 -8.25 15.36 13.29
C VAL B 19 -7.70 13.97 12.98
N LEU B 20 -6.52 13.65 13.50
CA LEU B 20 -5.93 12.33 13.34
C LEU B 20 -6.85 11.25 13.90
N ARG B 21 -7.41 11.53 15.07
CA ARG B 21 -8.29 10.58 15.76
C ARG B 21 -9.56 10.27 14.98
N THR B 22 -10.17 11.30 14.39
CA THR B 22 -11.41 11.10 13.64
C THR B 22 -11.13 10.56 12.23
N SER B 23 -10.03 11.01 11.62
CA SER B 23 -9.66 10.51 10.29
C SER B 23 -9.35 9.03 10.34
N LEU B 24 -8.56 8.62 11.33
CA LEU B 24 -8.21 7.22 11.47
C LEU B 24 -9.44 6.36 11.75
N ALA B 25 -10.36 6.90 12.57
CA ALA B 25 -11.62 6.23 12.86
C ALA B 25 -12.41 5.98 11.58
N THR B 26 -12.48 7.01 10.73
CA THR B 26 -13.23 6.92 9.48
C THR B 26 -12.63 5.88 8.53
N ILE B 27 -11.31 5.89 8.38
CA ILE B 27 -10.61 4.97 7.48
C ILE B 27 -10.81 3.53 7.93
N LEU B 28 -10.77 3.30 9.24
CA LEU B 28 -11.00 1.97 9.80
C LEU B 28 -12.46 1.55 9.60
N ASP B 29 -13.34 2.53 9.51
CA ASP B 29 -14.76 2.26 9.28
C ASP B 29 -15.02 1.95 7.81
N GLY B 30 -14.34 2.68 6.93
CA GLY B 30 -14.54 2.55 5.50
C GLY B 30 -14.06 1.23 4.93
N GLY B 31 -13.23 0.53 5.68
CA GLY B 31 -12.67 -0.73 5.22
C GLY B 31 -11.71 -0.51 4.07
N GLU B 32 -11.30 -1.60 3.43
CA GLU B 32 -10.38 -1.51 2.30
C GLU B 32 -11.10 -0.98 1.06
N GLU B 33 -12.41 -1.15 1.03
CA GLU B 33 -13.23 -0.71 -0.10
C GLU B 33 -13.23 0.80 -0.25
N ASN B 34 -13.52 1.51 0.84
CA ASN B 34 -13.58 2.96 0.82
C ASN B 34 -12.24 3.60 1.18
N LEU B 35 -11.19 2.80 1.10
CA LEU B 35 -9.84 3.25 1.45
C LEU B 35 -9.36 4.34 0.50
N GLU B 36 -9.61 4.16 -0.79
CA GLU B 36 -9.12 5.07 -1.82
C GLU B 36 -9.72 6.47 -1.69
N LYS B 37 -10.87 6.56 -1.02
CA LYS B 37 -11.52 7.85 -0.78
C LYS B 37 -11.05 8.50 0.53
N ASN B 38 -11.07 7.72 1.60
CA ASN B 38 -10.81 8.24 2.94
C ASN B 38 -9.34 8.49 3.24
N LEU B 39 -8.46 8.02 2.36
CA LEU B 39 -7.02 8.13 2.61
C LEU B 39 -6.42 9.53 2.32
N PRO B 40 -6.66 10.10 1.12
CA PRO B 40 -5.94 11.34 0.80
C PRO B 40 -6.22 12.49 1.77
N GLU B 41 -7.43 12.56 2.32
CA GLU B 41 -7.78 13.62 3.25
C GLU B 41 -6.92 13.55 4.51
N PHE B 42 -6.52 12.34 4.88
CA PHE B 42 -5.65 12.14 6.03
C PHE B 42 -4.19 12.34 5.66
N ALA B 43 -3.79 11.75 4.54
CA ALA B 43 -2.41 11.78 4.07
C ALA B 43 -1.89 13.19 3.80
N LYS B 44 -2.74 14.05 3.24
CA LYS B 44 -2.34 15.42 2.95
C LYS B 44 -1.95 16.18 4.21
N MET B 45 -2.71 15.96 5.28
CA MET B 45 -2.38 16.56 6.57
C MET B 45 -1.06 16.03 7.12
N VAL B 46 -0.96 14.70 7.16
CA VAL B 46 0.21 14.01 7.74
C VAL B 46 1.51 14.33 6.99
N CYS B 47 1.40 14.52 5.67
CA CYS B 47 2.58 14.75 4.85
C CYS B 47 2.87 16.23 4.66
N HIS B 48 2.33 17.07 5.54
CA HIS B 48 2.54 18.51 5.43
C HIS B 48 3.99 18.87 5.74
N GLY B 49 4.53 18.21 6.75
CA GLY B 49 5.91 18.43 7.15
C GLY B 49 6.49 17.14 7.70
N GLU B 50 7.81 17.05 7.74
CA GLU B 50 8.48 15.85 8.21
C GLU B 50 8.16 15.58 9.68
N HIS B 51 8.01 16.65 10.47
CA HIS B 51 7.69 16.49 11.88
C HIS B 51 6.26 15.99 12.07
N THR B 52 5.35 16.45 11.20
CA THR B 52 3.97 15.96 11.24
C THR B 52 3.92 14.50 10.79
N TYR B 53 4.72 14.16 9.80
CA TYR B 53 4.81 12.79 9.33
C TYR B 53 5.35 11.87 10.43
N LEU B 54 6.40 12.33 11.11
CA LEU B 54 6.98 11.56 12.21
C LEU B 54 5.96 11.24 13.30
N PHE B 55 5.27 12.27 13.79
CA PHE B 55 4.31 12.10 14.89
C PHE B 55 3.20 11.11 14.55
N ALA B 56 2.60 11.29 13.38
CA ALA B 56 1.52 10.42 12.91
C ALA B 56 1.99 8.98 12.73
N GLN B 57 3.20 8.78 12.22
CA GLN B 57 3.70 7.43 12.01
C GLN B 57 4.08 6.76 13.32
N ALA B 58 4.54 7.56 14.29
CA ALA B 58 4.82 7.02 15.61
C ALA B 58 3.52 6.55 16.26
N MET B 59 2.46 7.34 16.13
CA MET B 59 1.16 6.95 16.66
C MET B 59 0.62 5.68 16.02
N MET B 60 0.83 5.54 14.71
CA MET B 60 0.32 4.38 13.99
C MET B 60 1.12 3.11 14.29
N SER B 61 2.41 3.26 14.58
CA SER B 61 3.23 2.09 14.92
C SER B 61 2.82 1.51 16.26
N VAL B 62 2.48 2.39 17.20
CA VAL B 62 2.04 1.97 18.52
C VAL B 62 0.70 1.24 18.43
N LEU B 63 -0.19 1.74 17.58
CA LEU B 63 -1.48 1.09 17.37
C LEU B 63 -1.32 -0.26 16.66
N ALA B 64 -0.32 -0.33 15.78
CA ALA B 64 -0.08 -1.55 15.02
C ALA B 64 0.35 -2.72 15.91
N GLN B 65 0.74 -2.43 17.14
CA GLN B 65 1.20 -3.46 18.06
C GLN B 65 0.03 -4.27 18.65
N GLU B 66 -1.19 -3.77 18.50
CA GLU B 66 -2.37 -4.48 18.97
C GLU B 66 -2.59 -5.79 18.21
N GLU B 67 -2.59 -6.92 18.92
CA GLU B 67 -2.79 -8.23 18.31
C GLU B 67 -4.10 -8.32 17.53
N GLN B 68 -5.14 -7.69 18.07
CA GLN B 68 -6.46 -7.74 17.45
C GLN B 68 -6.71 -6.52 16.56
N GLY B 69 -6.36 -6.64 15.29
CA GLY B 69 -6.67 -5.62 14.31
C GLY B 69 -5.59 -4.58 14.08
N GLY B 70 -4.46 -4.73 14.76
CA GLY B 70 -3.36 -3.81 14.61
C GLY B 70 -2.79 -3.80 13.20
N SER B 71 -3.00 -4.90 12.48
CA SER B 71 -2.52 -5.03 11.11
C SER B 71 -3.20 -4.02 10.19
N ALA B 72 -4.43 -3.65 10.55
CA ALA B 72 -5.20 -2.72 9.72
C ALA B 72 -4.60 -1.32 9.79
N VAL B 73 -3.92 -1.01 10.89
CA VAL B 73 -3.28 0.29 11.04
C VAL B 73 -1.95 0.30 10.29
N ARG B 74 -1.25 -0.83 10.32
CA ARG B 74 -0.02 -1.00 9.56
C ARG B 74 -0.29 -0.77 8.08
N ARG B 75 -1.46 -1.21 7.63
CA ARG B 75 -1.88 -0.97 6.25
C ARG B 75 -2.03 0.53 5.99
N ILE B 76 -2.70 1.22 6.91
CA ILE B 76 -2.91 2.67 6.77
C ILE B 76 -1.58 3.41 6.72
N ALA B 77 -0.65 3.01 7.60
CA ALA B 77 0.65 3.65 7.67
C ALA B 77 1.40 3.49 6.34
N GLN B 78 1.30 2.31 5.75
CA GLN B 78 1.96 2.02 4.49
C GLN B 78 1.33 2.81 3.33
N GLU B 79 0.03 3.01 3.40
CA GLU B 79 -0.66 3.81 2.40
C GLU B 79 -0.20 5.28 2.45
N VAL B 80 0.03 5.77 3.66
CA VAL B 80 0.51 7.14 3.86
C VAL B 80 1.97 7.27 3.44
N GLN B 81 2.77 6.25 3.73
CA GLN B 81 4.17 6.23 3.32
C GLN B 81 4.28 6.33 1.79
N ARG B 82 3.30 5.75 1.10
CA ARG B 82 3.27 5.79 -0.35
C ARG B 82 2.87 7.18 -0.83
N PHE B 83 1.96 7.81 -0.10
CA PHE B 83 1.52 9.15 -0.43
C PHE B 83 2.68 10.13 -0.38
N ALA B 84 3.47 10.05 0.68
CA ALA B 84 4.67 10.87 0.83
C ALA B 84 5.65 10.64 -0.33
N GLN B 85 5.82 9.38 -0.71
CA GLN B 85 6.70 9.03 -1.82
C GLN B 85 6.24 9.66 -3.13
N GLU B 86 4.95 9.58 -3.41
CA GLU B 86 4.38 10.08 -4.67
C GLU B 86 4.32 11.60 -4.72
N LYS B 87 4.57 12.25 -3.59
CA LYS B 87 4.54 13.71 -3.54
C LYS B 87 5.95 14.28 -3.44
N GLY B 88 6.95 13.42 -3.57
CA GLY B 88 8.33 13.85 -3.59
C GLY B 88 8.98 13.95 -2.22
N HIS B 89 8.29 13.46 -1.20
CA HIS B 89 8.83 13.46 0.16
C HIS B 89 9.61 12.18 0.43
N ASP B 90 10.79 12.31 1.03
CA ASP B 90 11.61 11.16 1.39
C ASP B 90 11.35 10.78 2.85
N ALA B 91 10.71 9.64 3.06
CA ALA B 91 10.40 9.16 4.40
C ALA B 91 11.01 7.78 4.65
N SER B 92 12.21 7.55 4.12
CA SER B 92 12.90 6.27 4.32
C SER B 92 13.61 6.24 5.66
N GLN B 93 14.18 7.38 6.05
CA GLN B 93 14.90 7.48 7.31
C GLN B 93 13.96 7.23 8.50
N ILE B 94 12.75 7.75 8.40
CA ILE B 94 11.76 7.56 9.45
C ILE B 94 11.24 6.12 9.44
N THR B 95 10.97 5.60 8.26
CA THR B 95 10.41 4.26 8.13
C THR B 95 11.29 3.19 8.75
N LEU B 96 12.61 3.29 8.54
CA LEU B 96 13.54 2.31 9.07
C LEU B 96 13.78 2.46 10.57
N ALA B 97 13.79 3.71 11.04
CA ALA B 97 13.97 3.98 12.47
C ALA B 97 12.71 3.59 13.24
N LEU B 98 11.61 3.45 12.51
CA LEU B 98 10.31 3.14 13.09
C LEU B 98 10.22 1.68 13.56
N GLY B 99 10.96 0.80 12.90
CA GLY B 99 10.92 -0.61 13.23
C GLY B 99 12.24 -1.18 13.73
N THR B 100 12.37 -2.50 13.63
CA THR B 100 13.58 -3.17 14.09
C THR B 100 14.54 -3.41 12.94
N ALA B 101 14.42 -2.59 11.90
CA ALA B 101 15.27 -2.69 10.72
C ALA B 101 16.69 -2.19 11.04
N ALA B 102 16.77 -1.23 11.95
CA ALA B 102 18.05 -0.62 12.31
C ALA B 102 18.93 -1.57 13.12
N SER B 103 18.40 -2.74 13.47
CA SER B 103 19.13 -3.72 14.24
C SER B 103 20.18 -4.46 13.40
N TYR B 104 20.10 -4.29 12.09
CA TYR B 104 21.01 -4.97 11.17
C TYR B 104 21.67 -3.97 10.22
N PRO B 105 22.86 -3.48 10.61
CA PRO B 105 23.61 -2.39 9.98
C PRO B 105 23.74 -2.48 8.46
N ARG B 106 24.45 -3.49 7.96
CA ARG B 106 24.68 -3.65 6.53
C ARG B 106 23.40 -3.57 5.71
N ALA B 107 22.46 -4.46 6.03
CA ALA B 107 21.21 -4.59 5.28
C ALA B 107 20.37 -3.33 5.32
N CYS B 108 20.21 -2.76 6.51
CA CYS B 108 19.40 -1.56 6.68
C CYS B 108 19.97 -0.40 5.88
N GLN B 109 21.29 -0.35 5.80
CA GLN B 109 22.00 0.66 5.00
C GLN B 109 21.63 0.56 3.53
N ALA B 110 21.78 -0.63 2.96
CA ALA B 110 21.48 -0.86 1.55
C ALA B 110 19.99 -0.67 1.26
N LEU B 111 19.15 -1.03 2.21
CA LEU B 111 17.71 -0.98 2.02
C LEU B 111 17.19 0.46 2.05
N GLY B 112 17.80 1.28 2.89
CA GLY B 112 17.42 2.69 2.99
C GLY B 112 17.88 3.49 1.78
N ALA B 113 19.04 3.14 1.25
CA ALA B 113 19.58 3.80 0.06
C ALA B 113 18.61 3.67 -1.11
N MET B 114 18.24 2.43 -1.42
CA MET B 114 17.32 2.17 -2.53
C MET B 114 15.94 2.76 -2.28
N LEU B 115 15.49 2.73 -1.03
CA LEU B 115 14.19 3.32 -0.68
C LEU B 115 14.20 4.84 -0.82
N SER B 116 15.37 5.44 -0.63
CA SER B 116 15.52 6.89 -0.75
C SER B 116 15.60 7.31 -2.22
N LYS B 117 16.31 6.53 -3.02
CA LYS B 117 16.45 6.82 -4.45
C LYS B 117 15.19 6.42 -5.22
N GLY B 118 14.50 5.40 -4.74
CA GLY B 118 13.25 4.96 -5.36
C GLY B 118 13.47 4.00 -6.52
N ALA B 119 14.63 3.35 -6.54
CA ALA B 119 14.94 2.37 -7.59
C ALA B 119 15.87 1.28 -7.06
N LEU B 120 16.05 0.23 -7.86
CA LEU B 120 16.95 -0.87 -7.49
C LEU B 120 18.28 -0.76 -8.24
N ASN B 121 19.37 -0.78 -7.48
CA ASN B 121 20.70 -0.76 -8.09
C ASN B 121 21.47 -2.03 -7.73
N PRO B 122 22.26 -2.55 -8.69
CA PRO B 122 23.02 -3.81 -8.52
C PRO B 122 23.95 -3.80 -7.32
N ALA B 123 24.43 -2.62 -6.94
CA ALA B 123 25.34 -2.49 -5.81
C ALA B 123 24.67 -2.91 -4.49
N ASP B 124 23.53 -2.32 -4.19
CA ASP B 124 22.84 -2.61 -2.94
C ASP B 124 22.07 -3.93 -2.99
N ILE B 125 21.82 -4.42 -4.20
CA ILE B 125 21.13 -5.70 -4.37
C ILE B 125 22.07 -6.86 -4.04
N THR B 126 23.34 -6.71 -4.42
CA THR B 126 24.35 -7.74 -4.15
C THR B 126 24.62 -7.87 -2.64
N VAL B 127 24.64 -6.73 -1.94
CA VAL B 127 24.85 -6.70 -0.50
C VAL B 127 23.76 -7.50 0.22
N LEU B 128 22.52 -7.32 -0.20
CA LEU B 128 21.40 -8.07 0.36
C LEU B 128 21.47 -9.55 -0.03
N PHE B 129 21.84 -9.81 -1.28
CA PHE B 129 21.88 -11.17 -1.81
C PHE B 129 22.89 -12.05 -1.06
N LYS B 130 24.10 -11.54 -0.85
CA LYS B 130 25.14 -12.31 -0.19
C LYS B 130 24.74 -12.68 1.24
N MET B 131 24.05 -11.76 1.91
CA MET B 131 23.63 -11.96 3.29
C MET B 131 22.55 -13.03 3.41
N PHE B 132 21.67 -13.10 2.42
CA PHE B 132 20.58 -14.08 2.44
C PHE B 132 20.99 -15.43 1.85
N THR B 133 22.27 -15.55 1.50
CA THR B 133 22.82 -16.78 0.97
C THR B 133 23.71 -17.43 2.03
N SER B 134 24.13 -16.62 3.00
CA SER B 134 25.01 -17.09 4.06
C SER B 134 24.28 -18.02 5.01
N MET B 135 25.03 -18.64 5.91
CA MET B 135 24.46 -19.59 6.86
C MET B 135 23.56 -18.89 7.87
N ASP B 136 23.80 -17.60 8.09
CA ASP B 136 22.99 -16.82 9.02
C ASP B 136 22.42 -15.57 8.35
N PRO B 137 21.29 -15.72 7.64
CA PRO B 137 20.63 -14.60 6.96
C PRO B 137 19.78 -13.76 7.90
N PRO B 138 19.61 -12.46 7.59
CA PRO B 138 18.76 -11.55 8.36
C PRO B 138 17.28 -11.92 8.28
N PRO B 139 16.45 -11.41 9.22
CA PRO B 139 15.02 -11.74 9.24
C PRO B 139 14.33 -11.39 7.92
N VAL B 140 13.48 -12.27 7.42
CA VAL B 140 12.84 -12.06 6.12
C VAL B 140 11.88 -10.86 6.17
N GLU B 141 11.39 -10.51 7.35
CA GLU B 141 10.48 -9.37 7.48
C GLU B 141 11.14 -8.07 7.01
N LEU B 142 12.46 -8.07 6.97
CA LEU B 142 13.23 -6.90 6.56
C LEU B 142 13.05 -6.57 5.09
N ILE B 143 12.94 -7.59 4.25
CA ILE B 143 12.80 -7.37 2.81
C ILE B 143 11.34 -7.38 2.40
N ARG B 144 10.46 -7.63 3.38
CA ARG B 144 9.03 -7.59 3.15
C ARG B 144 8.47 -6.21 3.45
N VAL B 145 9.00 -5.21 2.77
CA VAL B 145 8.48 -3.86 2.84
C VAL B 145 7.80 -3.54 1.50
N PRO B 146 6.52 -3.13 1.54
CA PRO B 146 5.74 -2.85 0.33
C PRO B 146 6.47 -1.94 -0.64
N ALA B 147 7.10 -0.89 -0.12
CA ALA B 147 7.84 0.06 -0.92
C ALA B 147 9.01 -0.59 -1.64
N PHE B 148 9.57 -1.63 -1.03
CA PHE B 148 10.71 -2.35 -1.59
C PHE B 148 10.25 -3.32 -2.67
N LEU B 149 9.25 -4.11 -2.35
CA LEU B 149 8.71 -5.12 -3.27
C LEU B 149 8.20 -4.49 -4.56
N ASP B 150 7.66 -3.28 -4.46
CA ASP B 150 7.15 -2.57 -5.63
C ASP B 150 8.28 -2.24 -6.59
N LEU B 151 9.44 -1.91 -6.05
CA LEU B 151 10.61 -1.61 -6.86
C LEU B 151 11.00 -2.81 -7.73
N PHE B 152 10.71 -4.01 -7.24
CA PHE B 152 10.95 -5.22 -8.02
C PHE B 152 9.95 -5.36 -9.17
N MET B 153 8.72 -4.91 -8.94
CA MET B 153 7.65 -5.02 -9.93
C MET B 153 7.95 -4.22 -11.18
N GLN B 154 8.46 -3.00 -11.00
CA GLN B 154 8.73 -2.10 -12.11
C GLN B 154 10.10 -2.35 -12.71
N SER B 155 10.81 -3.33 -12.16
CA SER B 155 12.14 -3.68 -12.61
C SER B 155 12.16 -5.05 -13.28
N LEU B 156 11.09 -5.81 -13.09
CA LEU B 156 11.02 -7.18 -13.59
C LEU B 156 9.83 -7.44 -14.51
N PHE B 157 8.78 -6.63 -14.40
CA PHE B 157 7.53 -6.90 -15.11
C PHE B 157 7.06 -5.69 -15.90
N LYS B 158 7.76 -4.57 -15.78
CA LYS B 158 7.46 -3.38 -16.57
C LYS B 158 8.00 -3.54 -17.99
N PRO B 159 7.24 -3.11 -19.00
CA PRO B 159 7.68 -3.10 -20.40
C PRO B 159 9.08 -2.50 -20.57
N GLY B 160 10.05 -3.37 -20.86
CA GLY B 160 11.45 -3.02 -20.79
C GLY B 160 12.20 -4.25 -20.32
N ALA B 161 13.14 -4.09 -19.40
CA ALA B 161 13.56 -2.81 -18.86
C ALA B 161 15.07 -2.81 -18.64
N ARG B 162 15.61 -1.68 -18.20
CA ARG B 162 17.04 -1.59 -17.92
C ARG B 162 17.43 -2.50 -16.76
N ILE B 163 18.22 -3.52 -17.06
CA ILE B 163 18.59 -4.54 -16.08
C ILE B 163 19.87 -5.25 -16.51
N ASN B 164 20.66 -5.69 -15.55
CA ASN B 164 21.90 -6.41 -15.86
C ASN B 164 21.71 -7.93 -15.78
N GLN B 165 22.11 -8.62 -16.85
CA GLN B 165 21.94 -10.07 -16.93
C GLN B 165 22.79 -10.82 -15.91
N ASP B 166 23.92 -10.22 -15.53
CA ASP B 166 24.80 -10.82 -14.54
C ASP B 166 24.27 -10.63 -13.12
N HIS B 167 23.21 -9.85 -12.99
CA HIS B 167 22.63 -9.57 -11.68
C HIS B 167 21.18 -10.03 -11.58
N LYS B 168 20.60 -10.44 -12.72
CA LYS B 168 19.19 -10.78 -12.81
C LYS B 168 18.77 -11.87 -11.82
N HIS B 169 19.63 -12.89 -11.65
CA HIS B 169 19.31 -13.97 -10.73
C HIS B 169 19.25 -13.47 -9.29
N LYS B 170 20.08 -12.47 -8.98
CA LYS B 170 20.08 -11.86 -7.65
C LYS B 170 18.78 -11.10 -7.38
N TYR B 171 18.27 -10.41 -8.40
CA TYR B 171 17.00 -9.71 -8.30
C TYR B 171 15.85 -10.70 -8.10
N ILE B 172 15.89 -11.80 -8.87
CA ILE B 172 14.84 -12.81 -8.81
C ILE B 172 14.83 -13.55 -7.48
N HIS B 173 16.02 -13.93 -7.01
CA HIS B 173 16.16 -14.70 -5.78
C HIS B 173 15.62 -13.93 -4.56
N ILE B 174 16.03 -12.67 -4.42
CA ILE B 174 15.61 -11.84 -3.30
C ILE B 174 14.09 -11.67 -3.29
N LEU B 175 13.50 -11.48 -4.48
CA LEU B 175 12.05 -11.37 -4.57
C LEU B 175 11.38 -12.68 -4.18
N ALA B 176 11.86 -13.79 -4.74
CA ALA B 176 11.29 -15.09 -4.44
C ALA B 176 11.48 -15.47 -2.97
N TYR B 177 12.58 -14.99 -2.38
CA TYR B 177 12.85 -15.22 -0.97
C TYR B 177 11.82 -14.52 -0.09
N ALA B 178 11.53 -13.26 -0.42
CA ALA B 178 10.53 -12.48 0.30
C ALA B 178 9.14 -13.08 0.18
N ALA B 179 8.90 -13.79 -0.92
CA ALA B 179 7.56 -14.29 -1.23
C ALA B 179 7.25 -15.67 -0.62
N SER B 180 8.28 -16.49 -0.43
CA SER B 180 8.06 -17.90 -0.09
C SER B 180 8.66 -18.36 1.23
N VAL B 181 9.78 -17.77 1.63
CA VAL B 181 10.51 -18.25 2.82
C VAL B 181 9.72 -18.02 4.11
N VAL B 182 9.68 -19.06 4.96
CA VAL B 182 8.94 -19.02 6.22
C VAL B 182 9.84 -19.28 7.43
N GLU B 183 9.94 -18.29 8.32
CA GLU B 183 10.74 -18.45 9.53
C GLU B 183 9.88 -18.78 10.75
N THR B 184 10.47 -19.50 11.70
CA THR B 184 9.82 -19.78 12.98
C THR B 184 10.59 -19.09 14.11
N TRP B 185 9.88 -18.41 15.00
CA TRP B 185 10.51 -17.70 16.11
C TRP B 185 9.98 -18.17 17.47
N LYS B 186 10.83 -18.12 18.48
CA LYS B 186 10.44 -18.39 19.87
C LYS B 186 11.18 -17.46 20.82
N LYS B 187 10.42 -16.60 21.49
CA LYS B 187 10.98 -15.57 22.39
C LYS B 187 12.01 -14.72 21.63
N ASN B 188 11.58 -14.19 20.49
CA ASN B 188 12.43 -13.37 19.61
C ASN B 188 13.73 -14.06 19.20
N LYS B 189 13.68 -15.39 19.08
CA LYS B 189 14.81 -16.16 18.59
C LYS B 189 14.37 -17.02 17.42
N ARG B 190 15.04 -16.88 16.28
CA ARG B 190 14.66 -17.61 15.09
C ARG B 190 15.14 -19.06 15.16
N VAL B 191 14.18 -20.00 15.18
CA VAL B 191 14.48 -21.41 15.33
C VAL B 191 14.88 -22.06 14.01
N SER B 192 14.05 -21.92 12.99
CA SER B 192 14.32 -22.53 11.69
C SER B 192 13.92 -21.64 10.52
N ILE B 193 14.43 -21.97 9.34
CA ILE B 193 14.09 -21.27 8.11
C ILE B 193 13.65 -22.26 7.05
N ASN B 194 12.42 -22.11 6.56
CA ASN B 194 11.88 -23.03 5.57
C ASN B 194 11.99 -22.47 4.15
N LYS B 195 12.78 -23.13 3.31
CA LYS B 195 13.02 -22.67 1.94
C LYS B 195 12.46 -23.61 0.88
N ASP B 196 11.56 -24.51 1.29
CA ASP B 196 11.03 -25.54 0.40
C ASP B 196 10.39 -24.98 -0.87
N GLU B 197 9.76 -23.82 -0.76
CA GLU B 197 9.02 -23.25 -1.86
C GLU B 197 9.84 -22.21 -2.63
N LEU B 198 11.10 -22.05 -2.24
CA LEU B 198 11.94 -21.03 -2.84
C LEU B 198 12.32 -21.40 -4.28
N LYS B 199 12.56 -22.68 -4.53
CA LYS B 199 12.97 -23.12 -5.86
C LYS B 199 11.86 -22.96 -6.91
N SER B 200 10.66 -23.45 -6.60
CA SER B 200 9.55 -23.39 -7.54
C SER B 200 9.03 -21.96 -7.74
N THR B 201 9.05 -21.17 -6.68
CA THR B 201 8.60 -19.78 -6.78
C THR B 201 9.58 -18.95 -7.61
N SER B 202 10.87 -19.18 -7.38
CA SER B 202 11.90 -18.47 -8.13
C SER B 202 11.78 -18.80 -9.62
N LYS B 203 11.44 -20.05 -9.92
CA LYS B 203 11.27 -20.49 -11.31
C LYS B 203 10.03 -19.87 -11.95
N ALA B 204 8.96 -19.76 -11.18
CA ALA B 204 7.71 -19.19 -11.67
C ALA B 204 7.91 -17.74 -12.09
N VAL B 205 8.61 -16.99 -11.26
CA VAL B 205 8.91 -15.59 -11.52
C VAL B 205 9.80 -15.42 -12.76
N GLU B 206 10.85 -16.23 -12.82
CA GLU B 206 11.81 -16.19 -13.93
C GLU B 206 11.13 -16.50 -15.26
N THR B 207 10.22 -17.47 -15.24
CA THR B 207 9.49 -17.87 -16.44
C THR B 207 8.63 -16.74 -16.99
N VAL B 208 7.80 -16.16 -16.13
CA VAL B 208 6.88 -15.09 -16.54
C VAL B 208 7.64 -13.80 -16.87
N HIS B 209 8.73 -13.55 -16.14
CA HIS B 209 9.58 -12.39 -16.43
C HIS B 209 10.09 -12.41 -17.87
N ASN B 210 10.55 -13.58 -18.32
CA ASN B 210 11.06 -13.74 -19.67
C ASN B 210 9.96 -13.51 -20.71
N LEU B 211 8.75 -13.93 -20.38
CA LEU B 211 7.61 -13.76 -21.29
C LEU B 211 7.20 -12.31 -21.42
N CYS B 212 7.21 -11.58 -20.32
CA CYS B 212 6.69 -10.22 -20.29
C CYS B 212 7.61 -9.25 -21.00
N CYS B 213 8.91 -9.34 -20.73
CA CYS B 213 9.89 -8.45 -21.34
C CYS B 213 10.00 -8.68 -22.85
N ASN B 214 9.68 -9.89 -23.30
CA ASN B 214 9.77 -10.25 -24.70
C ASN B 214 8.77 -9.46 -25.55
N GLU B 215 7.48 -9.76 -25.36
CA GLU B 215 6.40 -9.11 -26.10
C GLU B 215 6.63 -9.18 -27.60
N ASN B 216 6.32 -8.08 -28.30
CA ASN B 216 6.54 -7.99 -29.74
C ASN B 216 6.93 -6.59 -30.18
N ALA B 219 1.41 -9.26 -26.53
CA ALA B 219 2.26 -10.27 -27.14
C ALA B 219 1.43 -11.26 -27.96
N SER B 220 2.01 -11.72 -29.08
CA SER B 220 1.34 -12.68 -29.94
C SER B 220 1.77 -14.11 -29.59
N GLU B 221 2.84 -14.21 -28.81
CA GLU B 221 3.37 -15.50 -28.38
C GLU B 221 2.76 -15.89 -27.04
N LEU B 222 1.96 -14.99 -26.47
CA LEU B 222 1.38 -15.17 -25.15
C LEU B 222 0.37 -16.33 -25.13
N VAL B 223 -0.48 -16.39 -26.16
CA VAL B 223 -1.53 -17.39 -26.25
C VAL B 223 -0.97 -18.81 -26.34
N ALA B 224 0.20 -18.94 -26.96
CA ALA B 224 0.84 -20.23 -27.13
C ALA B 224 1.32 -20.81 -25.78
N GLU B 225 1.86 -19.94 -24.93
CA GLU B 225 2.36 -20.39 -23.64
C GLU B 225 1.38 -20.06 -22.50
N LEU B 226 0.10 -20.05 -22.83
CA LEU B 226 -0.93 -19.67 -21.86
C LEU B 226 -1.08 -20.64 -20.71
N SER B 227 -0.93 -21.94 -21.00
CA SER B 227 -1.08 -22.96 -19.95
C SER B 227 0.03 -22.85 -18.92
N THR B 228 1.24 -22.55 -19.38
CA THR B 228 2.35 -22.33 -18.46
C THR B 228 2.09 -21.07 -17.65
N LEU B 229 1.57 -20.04 -18.32
CA LEU B 229 1.33 -18.75 -17.69
C LEU B 229 0.28 -18.83 -16.58
N TYR B 230 -0.79 -19.59 -16.81
CA TYR B 230 -1.84 -19.77 -15.80
C TYR B 230 -1.32 -20.47 -14.55
N GLN B 231 -0.46 -21.47 -14.74
CA GLN B 231 0.10 -22.23 -13.63
C GLN B 231 0.98 -21.34 -12.73
N CYS B 232 1.72 -20.43 -13.34
CA CYS B 232 2.59 -19.52 -12.61
C CYS B 232 1.79 -18.47 -11.82
N ILE B 233 0.68 -18.03 -12.39
CA ILE B 233 -0.18 -17.02 -11.79
C ILE B 233 -0.67 -17.45 -10.40
N ARG B 234 -0.70 -18.76 -10.15
CA ARG B 234 -1.07 -19.29 -8.85
C ARG B 234 -0.14 -18.81 -7.73
N PHE B 235 1.10 -18.48 -8.09
CA PHE B 235 2.00 -17.81 -7.16
C PHE B 235 1.60 -16.35 -7.06
N PRO B 236 1.20 -15.90 -5.85
CA PRO B 236 0.72 -14.52 -5.69
C PRO B 236 1.71 -13.46 -6.16
N VAL B 237 2.99 -13.64 -5.85
CA VAL B 237 4.03 -12.71 -6.28
C VAL B 237 4.06 -12.56 -7.80
N VAL B 238 3.78 -13.65 -8.52
CA VAL B 238 3.76 -13.61 -9.97
C VAL B 238 2.49 -12.93 -10.46
N ALA B 239 1.37 -13.19 -9.79
CA ALA B 239 0.09 -12.60 -10.17
C ALA B 239 0.14 -11.08 -10.05
N MET B 240 0.82 -10.59 -9.01
CA MET B 240 1.05 -9.16 -8.85
C MET B 240 1.82 -8.61 -10.05
N GLY B 241 2.84 -9.34 -10.47
CA GLY B 241 3.66 -8.93 -11.60
C GLY B 241 2.86 -8.84 -12.89
N VAL B 242 2.06 -9.88 -13.14
CA VAL B 242 1.24 -9.92 -14.35
C VAL B 242 0.22 -8.79 -14.34
N LEU B 243 -0.36 -8.52 -13.18
CA LEU B 243 -1.34 -7.46 -13.03
C LEU B 243 -0.72 -6.10 -13.35
N LYS B 244 0.46 -5.84 -12.80
CA LYS B 244 1.19 -4.61 -13.08
C LYS B 244 1.57 -4.53 -14.55
N TRP B 245 2.00 -5.65 -15.13
CA TRP B 245 2.42 -5.69 -16.53
C TRP B 245 1.25 -5.42 -17.46
N VAL B 246 0.12 -6.07 -17.19
CA VAL B 246 -1.11 -5.85 -17.94
C VAL B 246 -1.51 -4.38 -17.84
N ASP B 247 -1.32 -3.82 -16.65
CA ASP B 247 -1.61 -2.41 -16.40
C ASP B 247 -0.80 -1.50 -17.32
N TRP B 248 0.53 -1.60 -17.24
CA TRP B 248 1.40 -0.75 -18.03
C TRP B 248 1.18 -0.93 -19.53
N THR B 249 0.87 -2.16 -19.94
CA THR B 249 0.60 -2.48 -21.34
C THR B 249 -0.66 -1.77 -21.85
N VAL B 250 -1.78 -2.00 -21.18
CA VAL B 250 -3.07 -1.50 -21.63
C VAL B 250 -3.26 -0.01 -21.37
N SER B 251 -2.78 0.47 -20.22
CA SER B 251 -2.99 1.86 -19.82
C SER B 251 -2.28 2.84 -20.75
N GLU B 252 -1.19 2.41 -21.36
CA GLU B 252 -0.45 3.24 -22.30
C GLU B 252 -1.27 3.50 -23.56
N PRO B 253 -1.42 4.78 -23.93
CA PRO B 253 -2.18 5.23 -25.10
C PRO B 253 -1.74 4.55 -26.40
N ARG B 254 -2.61 4.56 -27.39
CA ARG B 254 -2.36 3.92 -28.69
C ARG B 254 -2.08 2.43 -28.54
N TYR B 255 -2.93 1.74 -27.78
CA TYR B 255 -2.80 0.30 -27.60
C TYR B 255 -3.96 -0.44 -28.27
N PHE B 256 -5.13 0.18 -28.28
CA PHE B 256 -6.33 -0.47 -28.79
C PHE B 256 -6.47 -0.37 -30.32
N GLN B 257 -5.46 -0.87 -31.02
CA GLN B 257 -5.53 -0.97 -32.47
C GLN B 257 -5.45 -2.44 -32.89
N LEU B 258 -5.38 -3.32 -31.90
CA LEU B 258 -5.32 -4.75 -32.13
C LEU B 258 -6.72 -5.36 -32.14
N GLN B 259 -6.81 -6.66 -32.41
CA GLN B 259 -8.08 -7.35 -32.45
C GLN B 259 -8.57 -7.71 -31.05
N PRO B 264 -9.02 -9.38 -26.38
CA PRO B 264 -7.71 -9.00 -25.83
C PRO B 264 -7.22 -9.98 -24.78
N VAL B 265 -6.09 -10.63 -25.03
CA VAL B 265 -5.60 -11.66 -24.12
C VAL B 265 -5.09 -11.06 -22.80
N HIS B 266 -4.67 -9.79 -22.84
CA HIS B 266 -4.17 -9.12 -21.66
C HIS B 266 -5.24 -9.01 -20.58
N LEU B 267 -6.47 -8.70 -21.00
CA LEU B 267 -7.58 -8.58 -20.07
C LEU B 267 -8.05 -9.95 -19.59
N ALA B 268 -7.89 -10.97 -20.44
CA ALA B 268 -8.35 -12.32 -20.12
C ALA B 268 -7.57 -12.92 -18.96
N LEU B 269 -6.31 -12.50 -18.82
CA LEU B 269 -5.46 -12.96 -17.73
C LEU B 269 -5.98 -12.47 -16.39
N LEU B 270 -6.68 -11.34 -16.40
CA LEU B 270 -7.21 -10.77 -15.17
C LEU B 270 -8.23 -11.69 -14.51
N ASP B 271 -8.98 -12.42 -15.33
CA ASP B 271 -9.95 -13.37 -14.79
C ASP B 271 -9.27 -14.47 -14.00
N GLU B 272 -8.07 -14.85 -14.44
CA GLU B 272 -7.33 -15.89 -13.74
C GLU B 272 -6.74 -15.35 -12.45
N ILE B 273 -6.28 -14.10 -12.49
CA ILE B 273 -5.79 -13.41 -11.30
C ILE B 273 -6.86 -13.39 -10.21
N SER B 274 -8.06 -12.98 -10.61
CA SER B 274 -9.19 -12.84 -9.68
C SER B 274 -9.58 -14.18 -9.06
N THR B 275 -9.58 -15.23 -9.88
CA THR B 275 -9.99 -16.56 -9.44
C THR B 275 -9.02 -17.16 -8.40
N CYS B 276 -7.75 -16.75 -8.47
CA CYS B 276 -6.72 -17.34 -7.62
C CYS B 276 -6.42 -16.55 -6.35
N HIS B 277 -6.63 -15.25 -6.37
CA HIS B 277 -6.15 -14.40 -5.29
C HIS B 277 -7.14 -13.34 -4.83
N GLN B 278 -7.76 -13.58 -3.68
CA GLN B 278 -8.76 -12.63 -3.18
C GLN B 278 -8.12 -11.32 -2.73
N LEU B 279 -6.87 -11.38 -2.26
CA LEU B 279 -6.17 -10.18 -1.81
C LEU B 279 -5.88 -9.18 -2.94
N LEU B 280 -6.02 -9.62 -4.18
CA LEU B 280 -5.75 -8.76 -5.33
C LEU B 280 -7.01 -8.19 -5.98
N HIS B 281 -8.17 -8.54 -5.42
CA HIS B 281 -9.44 -8.08 -5.97
C HIS B 281 -9.60 -6.55 -5.98
N PRO B 282 -9.24 -5.86 -4.88
CA PRO B 282 -9.40 -4.40 -4.99
C PRO B 282 -8.46 -3.73 -6.00
N GLN B 283 -7.33 -4.37 -6.31
CA GLN B 283 -6.44 -3.83 -7.34
C GLN B 283 -6.96 -4.14 -8.75
N VAL B 284 -7.49 -5.35 -8.92
CA VAL B 284 -8.10 -5.73 -10.19
C VAL B 284 -9.24 -4.77 -10.53
N LEU B 285 -10.10 -4.48 -9.56
CA LEU B 285 -11.22 -3.57 -9.80
C LEU B 285 -10.72 -2.15 -10.05
N GLN B 286 -9.74 -1.72 -9.26
CA GLN B 286 -9.14 -0.39 -9.44
C GLN B 286 -8.62 -0.19 -10.86
N LEU B 287 -8.07 -1.25 -11.43
CA LEU B 287 -7.60 -1.21 -12.81
C LEU B 287 -8.77 -1.15 -13.78
N LEU B 288 -9.76 -2.00 -13.55
CA LEU B 288 -10.93 -2.08 -14.42
C LEU B 288 -11.72 -0.79 -14.50
N VAL B 289 -11.75 -0.03 -13.39
CA VAL B 289 -12.48 1.24 -13.37
C VAL B 289 -11.63 2.37 -13.92
N LYS B 290 -10.32 2.17 -13.96
CA LYS B 290 -9.41 3.14 -14.55
C LYS B 290 -9.51 3.06 -16.08
N LEU B 291 -9.66 1.85 -16.60
CA LEU B 291 -9.80 1.64 -18.03
C LEU B 291 -11.21 1.92 -18.51
N PHE B 292 -12.14 1.94 -17.57
CA PHE B 292 -13.55 2.16 -17.88
C PHE B 292 -13.85 3.65 -17.97
N GLU B 293 -12.96 4.47 -17.41
CA GLU B 293 -13.14 5.91 -17.36
C GLU B 293 -12.16 6.67 -18.27
N THR B 294 -11.42 5.92 -19.09
CA THR B 294 -10.47 6.53 -20.01
C THR B 294 -11.14 7.04 -21.27
N GLU B 295 -10.75 8.23 -21.70
CA GLU B 295 -11.32 8.84 -22.90
C GLU B 295 -10.55 8.40 -24.14
N HIS B 296 -10.99 7.30 -24.73
CA HIS B 296 -10.34 6.76 -25.92
C HIS B 296 -10.72 7.56 -27.17
N SER B 297 -9.94 8.59 -27.47
CA SER B 297 -10.25 9.47 -28.60
C SER B 297 -9.85 8.84 -29.94
N ALA B 298 -8.99 7.83 -29.89
CA ALA B 298 -8.52 7.19 -31.12
C ALA B 298 -9.43 6.04 -31.54
N LEU B 299 -10.28 5.58 -30.62
CA LEU B 299 -11.18 4.47 -30.88
C LEU B 299 -12.49 4.91 -31.53
N ASP B 300 -13.07 4.02 -32.33
CA ASP B 300 -14.37 4.25 -32.94
C ASP B 300 -15.48 4.08 -31.91
N VAL B 301 -16.60 4.77 -32.11
CA VAL B 301 -17.72 4.76 -31.17
C VAL B 301 -18.21 3.35 -30.85
N MET B 302 -18.38 2.53 -31.90
CA MET B 302 -18.82 1.15 -31.70
C MET B 302 -17.75 0.34 -30.99
N GLU B 303 -16.49 0.66 -31.25
CA GLU B 303 -15.36 -0.01 -30.61
C GLU B 303 -15.27 0.37 -29.14
N GLN B 304 -15.65 1.60 -28.81
CA GLN B 304 -15.66 2.07 -27.43
C GLN B 304 -16.74 1.36 -26.62
N LEU B 305 -17.88 1.11 -27.27
CA LEU B 305 -18.99 0.45 -26.61
C LEU B 305 -18.66 -1.00 -26.27
N GLU B 306 -18.16 -1.74 -27.26
CA GLU B 306 -17.83 -3.14 -27.06
C GLU B 306 -16.68 -3.34 -26.08
N LEU B 307 -15.73 -2.41 -26.10
CA LEU B 307 -14.59 -2.46 -25.18
C LEU B 307 -15.06 -2.29 -23.74
N LYS B 308 -16.00 -1.39 -23.53
CA LYS B 308 -16.54 -1.17 -22.20
C LYS B 308 -17.37 -2.37 -21.74
N LYS B 309 -18.04 -3.02 -22.70
CA LYS B 309 -18.74 -4.26 -22.41
C LYS B 309 -17.76 -5.34 -21.98
N THR B 310 -16.58 -5.33 -22.60
CA THR B 310 -15.52 -6.28 -22.28
C THR B 310 -15.00 -6.07 -20.86
N LEU B 311 -14.84 -4.80 -20.49
CA LEU B 311 -14.38 -4.45 -19.16
C LEU B 311 -15.43 -4.82 -18.11
N LEU B 312 -16.69 -4.78 -18.51
CA LEU B 312 -17.79 -5.17 -17.62
C LEU B 312 -17.81 -6.68 -17.41
N ASP B 313 -17.42 -7.42 -18.45
CA ASP B 313 -17.35 -8.88 -18.38
C ASP B 313 -16.32 -9.31 -17.35
N ARG B 314 -15.29 -8.48 -17.15
CA ARG B 314 -14.27 -8.74 -16.14
C ARG B 314 -14.83 -8.49 -14.75
N MET B 315 -15.68 -7.48 -14.64
CA MET B 315 -16.29 -7.13 -13.36
C MET B 315 -17.28 -8.19 -12.91
N VAL B 316 -18.05 -8.72 -13.86
CA VAL B 316 -19.00 -9.78 -13.54
C VAL B 316 -18.27 -11.04 -13.11
N HIS B 317 -17.13 -11.31 -13.74
CA HIS B 317 -16.33 -12.46 -13.33
C HIS B 317 -15.77 -12.25 -11.92
N LEU B 318 -15.21 -11.07 -11.70
CA LEU B 318 -14.70 -10.67 -10.39
C LEU B 318 -15.79 -10.78 -9.33
N LEU B 319 -16.97 -10.28 -9.67
CA LEU B 319 -18.13 -10.35 -8.78
C LEU B 319 -18.45 -11.79 -8.42
N SER B 320 -18.36 -12.69 -9.40
CA SER B 320 -18.66 -14.10 -9.19
C SER B 320 -17.59 -14.82 -8.39
N ARG B 321 -16.51 -14.11 -8.06
CA ARG B 321 -15.44 -14.68 -7.26
C ARG B 321 -15.56 -14.27 -5.79
N GLY B 322 -16.57 -13.45 -5.50
CA GLY B 322 -16.86 -13.07 -4.12
C GLY B 322 -16.46 -11.65 -3.78
N TYR B 323 -16.15 -10.88 -4.81
CA TYR B 323 -15.90 -9.45 -4.64
C TYR B 323 -17.09 -8.68 -5.19
N VAL B 324 -18.27 -8.99 -4.66
CA VAL B 324 -19.50 -8.48 -5.26
C VAL B 324 -19.88 -7.07 -4.79
N LEU B 325 -19.92 -6.84 -3.49
CA LEU B 325 -20.38 -5.54 -2.96
C LEU B 325 -19.61 -4.32 -3.49
N PRO B 326 -18.26 -4.38 -3.55
CA PRO B 326 -17.63 -3.19 -4.12
C PRO B 326 -17.89 -3.04 -5.62
N VAL B 327 -18.14 -4.13 -6.32
CA VAL B 327 -18.40 -4.08 -7.75
C VAL B 327 -19.80 -3.54 -8.02
N VAL B 328 -20.79 -4.07 -7.31
CA VAL B 328 -22.17 -3.58 -7.43
C VAL B 328 -22.24 -2.10 -7.07
N SER B 329 -21.48 -1.72 -6.05
CA SER B 329 -21.47 -0.33 -5.59
C SER B 329 -20.99 0.65 -6.66
N TYR B 330 -20.00 0.24 -7.46
CA TYR B 330 -19.46 1.13 -8.49
C TYR B 330 -20.46 1.36 -9.64
N ILE B 331 -21.19 0.32 -10.01
CA ILE B 331 -22.15 0.40 -11.10
C ILE B 331 -23.32 1.32 -10.73
N ARG B 332 -23.65 1.33 -9.43
CA ARG B 332 -24.72 2.19 -8.94
C ARG B 332 -24.27 3.65 -8.91
N LYS B 333 -22.98 3.88 -8.68
CA LYS B 333 -22.42 5.22 -8.58
C LYS B 333 -22.41 5.93 -9.93
N CYS B 334 -22.08 5.20 -10.99
CA CYS B 334 -22.01 5.80 -12.32
C CYS B 334 -23.40 5.86 -12.96
N LEU B 335 -24.36 5.16 -12.36
CA LEU B 335 -25.75 5.22 -12.80
C LEU B 335 -26.45 6.44 -12.24
N GLU B 336 -26.36 6.61 -10.92
CA GLU B 336 -27.01 7.72 -10.25
C GLU B 336 -26.36 9.05 -10.65
N LYS B 337 -25.04 9.03 -10.80
CA LYS B 337 -24.31 10.20 -11.27
C LYS B 337 -23.99 10.09 -12.76
N ASP B 339 -24.14 9.45 -16.04
CA ASP B 339 -22.93 9.59 -16.84
C ASP B 339 -22.86 8.51 -17.92
N THR B 340 -22.59 7.29 -17.48
CA THR B 340 -22.52 6.14 -18.37
C THR B 340 -23.86 5.90 -19.06
N ASP B 341 -23.82 5.50 -20.32
CA ASP B 341 -25.06 5.27 -21.08
C ASP B 341 -25.84 4.09 -20.50
N ILE B 342 -27.15 4.12 -20.69
CA ILE B 342 -28.06 3.17 -20.06
C ILE B 342 -27.84 1.73 -20.53
N SER B 343 -27.45 1.56 -21.79
CA SER B 343 -27.25 0.24 -22.37
C SER B 343 -26.19 -0.56 -21.62
N LEU B 344 -25.10 0.09 -21.23
CA LEU B 344 -24.02 -0.58 -20.52
C LEU B 344 -24.45 -1.02 -19.11
N ILE B 345 -25.22 -0.18 -18.43
CA ILE B 345 -25.70 -0.50 -17.09
C ILE B 345 -26.69 -1.68 -17.14
N ARG B 346 -27.48 -1.74 -18.20
CA ARG B 346 -28.47 -2.79 -18.38
C ARG B 346 -27.80 -4.13 -18.67
N TYR B 347 -26.64 -4.08 -19.32
CA TYR B 347 -25.88 -5.29 -19.64
C TYR B 347 -25.29 -5.91 -18.37
N PHE B 348 -24.82 -5.08 -17.46
CA PHE B 348 -24.30 -5.55 -16.19
C PHE B 348 -25.39 -6.24 -15.37
N VAL B 349 -26.58 -5.64 -15.37
CA VAL B 349 -27.73 -6.19 -14.66
C VAL B 349 -28.13 -7.53 -15.25
N THR B 350 -28.24 -7.58 -16.56
CA THR B 350 -28.60 -8.79 -17.29
C THR B 350 -27.66 -9.95 -16.97
N GLU B 351 -26.36 -9.69 -17.09
CA GLU B 351 -25.36 -10.73 -16.90
C GLU B 351 -25.30 -11.23 -15.46
N VAL B 352 -25.44 -10.32 -14.50
CA VAL B 352 -25.42 -10.69 -13.09
C VAL B 352 -26.66 -11.50 -12.72
N LEU B 353 -27.82 -11.08 -13.19
CA LEU B 353 -29.07 -11.76 -12.87
C LEU B 353 -29.18 -13.11 -13.58
N ASP B 354 -28.27 -13.37 -14.51
CA ASP B 354 -28.29 -14.61 -15.27
C ASP B 354 -27.51 -15.71 -14.54
N VAL B 355 -26.76 -15.34 -13.50
CA VAL B 355 -25.92 -16.31 -12.80
C VAL B 355 -26.14 -16.37 -11.29
N ILE B 356 -26.89 -15.44 -10.72
CA ILE B 356 -27.14 -15.47 -9.28
C ILE B 356 -28.52 -16.02 -8.95
N ALA B 357 -28.68 -16.46 -7.70
CA ALA B 357 -29.90 -17.09 -7.23
C ALA B 357 -29.99 -16.97 -5.71
N PRO B 358 -31.21 -17.05 -5.15
CA PRO B 358 -31.38 -17.05 -3.69
C PRO B 358 -30.61 -18.18 -3.01
N PRO B 359 -30.29 -18.03 -1.72
CA PRO B 359 -30.59 -16.88 -0.86
C PRO B 359 -29.67 -15.69 -1.12
N TYR B 360 -30.21 -14.48 -0.94
CA TYR B 360 -29.40 -13.27 -1.00
C TYR B 360 -29.28 -12.69 0.41
N THR B 361 -28.18 -11.99 0.66
CA THR B 361 -28.01 -11.27 1.91
C THR B 361 -28.72 -9.92 1.81
N SER B 362 -29.03 -9.32 2.95
CA SER B 362 -29.66 -8.01 2.96
C SER B 362 -28.69 -6.94 2.46
N ASP B 363 -27.41 -7.17 2.70
CA ASP B 363 -26.37 -6.24 2.26
C ASP B 363 -26.32 -6.15 0.74
N PHE B 364 -26.53 -7.28 0.08
CA PHE B 364 -26.53 -7.32 -1.38
C PHE B 364 -27.80 -6.71 -1.96
N VAL B 365 -28.94 -7.08 -1.37
CA VAL B 365 -30.22 -6.55 -1.80
C VAL B 365 -30.27 -5.03 -1.63
N GLN B 366 -29.71 -4.53 -0.53
CA GLN B 366 -29.71 -3.10 -0.24
C GLN B 366 -28.95 -2.28 -1.29
N LEU B 367 -28.15 -2.96 -2.11
CA LEU B 367 -27.36 -2.30 -3.14
C LEU B 367 -27.83 -2.67 -4.55
N PHE B 368 -28.28 -3.91 -4.72
CA PHE B 368 -28.67 -4.40 -6.04
C PHE B 368 -30.14 -4.12 -6.37
N LEU B 369 -30.98 -4.02 -5.34
CA LEU B 369 -32.38 -3.68 -5.58
C LEU B 369 -32.55 -2.21 -5.99
N PRO B 370 -31.87 -1.25 -5.32
CA PRO B 370 -31.99 0.14 -5.76
C PRO B 370 -31.53 0.39 -7.19
N ILE B 371 -30.47 -0.27 -7.63
CA ILE B 371 -29.95 -0.08 -8.97
C ILE B 371 -30.92 -0.70 -9.98
N LEU B 372 -31.73 -1.63 -9.51
CA LEU B 372 -32.69 -2.33 -10.35
C LEU B 372 -33.90 -1.45 -10.68
N GLU B 373 -34.32 -0.66 -9.71
CA GLU B 373 -35.54 0.13 -9.85
C GLU B 373 -35.25 1.62 -9.95
N ASN B 374 -34.51 2.01 -10.99
CA ASN B 374 -34.30 3.41 -11.33
C ASN B 374 -34.93 3.69 -12.68
N ASP B 375 -34.49 2.93 -13.68
CA ASP B 375 -35.13 2.91 -14.99
C ASP B 375 -35.48 1.47 -15.32
N SER B 376 -36.46 0.93 -14.61
CA SER B 376 -36.81 -0.49 -14.68
C SER B 376 -37.67 -0.86 -15.89
N ILE B 377 -37.03 -0.91 -17.06
CA ILE B 377 -37.68 -1.41 -18.27
C ILE B 377 -36.70 -2.27 -19.06
N ALA B 378 -36.96 -3.57 -19.11
CA ALA B 378 -36.09 -4.51 -19.81
C ALA B 378 -36.88 -5.65 -20.41
N ASP B 388 -38.96 -13.58 -17.11
CA ASP B 388 -38.26 -12.36 -16.74
C ASP B 388 -37.60 -12.49 -15.37
N PRO B 389 -36.26 -12.43 -15.33
CA PRO B 389 -35.49 -12.57 -14.09
C PRO B 389 -35.45 -11.30 -13.24
N VAL B 390 -35.71 -10.15 -13.86
CA VAL B 390 -35.67 -8.88 -13.16
C VAL B 390 -36.84 -8.74 -12.20
N THR B 391 -38.06 -8.82 -12.73
CA THR B 391 -39.26 -8.69 -11.90
C THR B 391 -39.34 -9.83 -10.90
N GLU B 392 -38.82 -11.00 -11.27
CA GLU B 392 -38.83 -12.16 -10.38
C GLU B 392 -37.92 -11.94 -9.18
N PHE B 393 -36.82 -11.23 -9.39
CA PHE B 393 -35.91 -10.86 -8.31
C PHE B 393 -36.58 -9.86 -7.36
N ILE B 394 -37.31 -8.91 -7.94
CA ILE B 394 -38.04 -7.91 -7.17
C ILE B 394 -39.13 -8.57 -6.34
N ALA B 395 -39.79 -9.56 -6.92
CA ALA B 395 -40.85 -10.31 -6.25
C ALA B 395 -40.28 -11.08 -5.05
N HIS B 396 -39.11 -11.66 -5.24
CA HIS B 396 -38.43 -12.38 -4.17
C HIS B 396 -38.08 -11.44 -3.02
N CYS B 397 -37.47 -10.31 -3.36
CA CYS B 397 -37.07 -9.33 -2.37
C CYS B 397 -38.26 -8.79 -1.57
N LYS B 398 -39.35 -8.51 -2.26
CA LYS B 398 -40.55 -7.98 -1.62
C LYS B 398 -41.15 -8.99 -0.64
N SER B 399 -40.99 -10.27 -0.96
CA SER B 399 -41.52 -11.35 -0.14
C SER B 399 -40.64 -11.67 1.08
N ASN B 400 -39.33 -11.54 0.92
CA ASN B 400 -38.39 -12.07 1.90
C ASN B 400 -37.60 -11.02 2.70
N PHE B 401 -37.80 -9.74 2.42
CA PHE B 401 -37.01 -8.71 3.10
C PHE B 401 -37.85 -7.57 3.69
N ILE B 402 -37.32 -6.98 4.75
CA ILE B 402 -38.06 -6.00 5.56
C ILE B 402 -37.18 -4.79 5.90
N MET B 403 -37.73 -3.59 5.79
CA MET B 403 -37.06 -2.38 6.24
C MET B 403 -37.33 -2.13 7.73
N VAL B 404 -36.33 -1.69 8.46
CA VAL B 404 -36.49 -1.46 9.90
C VAL B 404 -36.23 0.00 10.32
N ASN B 405 -36.77 0.36 11.47
CA ASN B 405 -36.62 1.70 12.05
C ASN B 405 -37.15 2.81 11.17
CL CL C . -33.36 -14.86 1.65
CL CL D . -3.64 -15.98 -1.42
#